data_5Q1O
#
_entry.id   5Q1O
#
_cell.length_a   51.947
_cell.length_b   57.156
_cell.length_c   115.050
_cell.angle_alpha   90.000
_cell.angle_beta   90.000
_cell.angle_gamma   90.000
#
_symmetry.space_group_name_H-M   'P 21 21 21'
#
loop_
_entity.id
_entity.type
_entity.pdbx_description
1 polymer 'DNA cross-link repair 1A protein'
2 non-polymer 'MALONATE ION'
3 non-polymer 'NICKEL (II) ION'
4 non-polymer 2-(4-methylpiperazin-1-yl)-1,3-benzothiazole
5 water water
#
_entity_poly.entity_id   1
_entity_poly.type   'polypeptide(L)'
_entity_poly.pdbx_seq_one_letter_code
;KKTCPFYKKIPGTGFTVDAFQYGVVEGCTAYFLTHFHSDHYAGLSKHFTFPVYCSEITGNLLKNKLHVQEQYIHPLPLDT
ECIVNGVKVVLLDANHCPGAVMILFYLPNGTVILHTGDFRADPSMERSLLADQKVHMLYLDTTYCSPEYTFPSQQEVIRF
AINTAFEAVTLNPHALVVCGTYSIGKEKVFLAIADVLGSKVGMSQEKYKTLQCLNIPEINSLITTDMCSSLVHLLPMMQI
NFKGLQSHLKKCGGKYNQILAFRPTGWTHSNKFTRIADVIPQTKGNISIYGIPYSEHSSYLEMKRFVQWLKPQKIIPTVN
VGTWKSRSTMEKYFREWKLEAGY
;
_entity_poly.pdbx_strand_id   A
#
loop_
_chem_comp.id
_chem_comp.type
_chem_comp.name
_chem_comp.formula
AWM non-polymer 2-(4-methylpiperazin-1-yl)-1,3-benzothiazole 'C12 H15 N3 S'
MLI non-polymer 'MALONATE ION' 'C3 H2 O4 -2'
NI non-polymer 'NICKEL (II) ION' 'Ni 2'
#
# COMPACT_ATOMS: atom_id res chain seq x y z
N THR A 3 -9.23 6.41 -23.12
CA THR A 3 -9.23 7.86 -22.72
C THR A 3 -9.29 8.08 -21.21
N CYS A 4 -8.63 9.13 -20.76
CA CYS A 4 -8.47 9.40 -19.34
C CYS A 4 -9.78 9.82 -18.66
N PRO A 5 -10.19 9.15 -17.55
CA PRO A 5 -11.45 9.48 -16.89
C PRO A 5 -11.35 10.76 -16.05
N PHE A 6 -12.49 11.40 -15.80
CA PHE A 6 -12.54 12.73 -15.15
C PHE A 6 -11.87 12.78 -13.77
N TYR A 7 -12.04 11.71 -12.99
CA TYR A 7 -11.51 11.63 -11.62
C TYR A 7 -9.98 11.46 -11.52
N LYS A 8 -9.28 11.37 -12.66
CA LYS A 8 -7.80 11.43 -12.69
C LYS A 8 -7.24 12.78 -13.20
N LYS A 9 -8.12 13.75 -13.48
CA LYS A 9 -7.71 15.07 -13.93
C LYS A 9 -7.87 16.08 -12.78
N ILE A 10 -6.93 17.03 -12.69
CA ILE A 10 -6.99 18.11 -11.69
C ILE A 10 -7.39 19.45 -12.42
N PRO A 11 -8.63 19.93 -12.21
CA PRO A 11 -9.10 21.10 -13.00
C PRO A 11 -8.31 22.36 -12.71
N GLY A 12 -8.15 23.22 -13.72
CA GLY A 12 -7.41 24.46 -13.56
C GLY A 12 -5.91 24.31 -13.59
N THR A 13 -5.44 23.08 -13.88
CA THR A 13 -4.03 22.79 -14.00
C THR A 13 -3.83 21.93 -15.26
N GLY A 14 -2.56 21.76 -15.60
CA GLY A 14 -2.17 20.78 -16.59
C GLY A 14 -1.83 19.42 -16.00
N PHE A 15 -2.41 19.05 -14.84
CA PHE A 15 -1.95 17.84 -14.13
C PHE A 15 -2.95 16.68 -14.23
N THR A 16 -2.40 15.46 -14.30
CA THR A 16 -3.15 14.24 -14.03
C THR A 16 -2.48 13.46 -12.89
N VAL A 17 -3.23 12.52 -12.34
CA VAL A 17 -2.80 11.66 -11.25
C VAL A 17 -3.06 10.18 -11.64
N ASP A 18 -1.99 9.38 -11.62
CA ASP A 18 -2.07 7.91 -11.87
C ASP A 18 -2.74 7.58 -13.23
N ALA A 19 -2.29 8.34 -14.24
CA ALA A 19 -2.93 8.31 -15.58
C ALA A 19 -1.92 8.04 -16.71
N PHE A 20 -1.33 6.84 -16.71
CA PHE A 20 -0.25 6.46 -17.63
C PHE A 20 -0.67 5.43 -18.70
N GLN A 21 -1.94 5.00 -18.69
CA GLN A 21 -2.43 3.90 -19.57
C GLN A 21 -3.34 4.41 -20.69
N TYR A 22 -3.37 5.73 -20.90
CA TYR A 22 -4.29 6.39 -21.82
C TYR A 22 -3.58 7.09 -23.00
N GLY A 23 -2.32 6.75 -23.27
CA GLY A 23 -1.51 7.47 -24.26
C GLY A 23 -1.23 8.90 -23.83
N VAL A 24 -1.08 9.80 -24.80
CA VAL A 24 -0.88 11.22 -24.52
C VAL A 24 -2.22 11.83 -24.12
N VAL A 25 -2.29 12.32 -22.88
CA VAL A 25 -3.49 12.95 -22.38
C VAL A 25 -3.43 14.42 -22.82
N GLU A 26 -4.43 14.88 -23.59
CA GLU A 26 -4.38 16.22 -24.17
C GLU A 26 -4.39 17.26 -23.03
N GLY A 27 -3.46 18.21 -23.11
CA GLY A 27 -3.32 19.27 -22.12
C GLY A 27 -2.47 18.93 -20.90
N CYS A 28 -2.03 17.69 -20.77
CA CYS A 28 -1.26 17.31 -19.58
C CYS A 28 0.22 17.65 -19.73
N THR A 29 0.68 18.56 -18.88
CA THR A 29 2.08 19.01 -18.81
C THR A 29 2.94 18.33 -17.72
N ALA A 30 2.31 17.67 -16.76
CA ALA A 30 3.00 16.93 -15.70
C ALA A 30 2.10 15.79 -15.24
N TYR A 31 2.68 14.58 -15.18
CA TYR A 31 1.98 13.38 -14.76
C TYR A 31 2.46 13.04 -13.33
N PHE A 32 1.57 13.09 -12.34
CA PHE A 32 1.93 12.66 -10.98
C PHE A 32 1.67 11.16 -10.80
N LEU A 33 2.56 10.50 -10.02
CA LEU A 33 2.39 9.08 -9.66
C LEU A 33 2.39 8.97 -8.12
N THR A 34 1.25 8.56 -7.53
CA THR A 34 1.12 8.52 -6.07
C THR A 34 1.97 7.42 -5.43
N HIS A 35 2.09 6.26 -6.11
CA HIS A 35 2.82 5.13 -5.53
C HIS A 35 3.06 4.04 -6.56
N PHE A 36 4.00 3.16 -6.25
CA PHE A 36 4.41 2.09 -7.19
C PHE A 36 3.59 0.79 -7.00
N HIS A 37 2.30 0.86 -7.33
CA HIS A 37 1.42 -0.32 -7.45
C HIS A 37 0.94 -0.38 -8.91
N SER A 38 0.88 -1.58 -9.48
CA SER A 38 0.71 -1.77 -10.95
C SER A 38 -0.58 -1.16 -11.51
N ASP A 39 -1.69 -1.18 -10.78
CA ASP A 39 -2.94 -0.55 -11.30
C ASP A 39 -2.75 0.98 -11.48
N HIS A 40 -1.81 1.60 -10.72
CA HIS A 40 -1.60 3.04 -10.76
C HIS A 40 -0.51 3.45 -11.74
N TYR A 41 0.56 2.65 -11.85
CA TYR A 41 1.60 2.91 -12.85
C TYR A 41 1.36 2.34 -14.26
N ALA A 42 0.29 1.53 -14.41
CA ALA A 42 -0.08 0.88 -15.70
C ALA A 42 0.18 1.79 -16.91
N GLY A 43 1.08 1.37 -17.80
CA GLY A 43 1.52 2.13 -18.99
C GLY A 43 2.93 2.74 -19.01
N LEU A 44 3.51 3.04 -17.83
CA LEU A 44 4.92 3.54 -17.74
C LEU A 44 6.03 2.56 -18.18
N SER A 45 7.09 3.07 -18.85
CA SER A 45 8.26 2.32 -19.37
C SER A 45 9.49 3.21 -19.71
N LYS A 46 10.60 2.61 -20.23
CA LYS A 46 11.80 3.38 -20.67
C LYS A 46 11.56 4.33 -21.83
N HIS A 47 10.42 4.19 -22.50
CA HIS A 47 10.08 5.04 -23.64
C HIS A 47 9.21 6.22 -23.26
N PHE A 48 8.82 6.33 -21.99
CA PHE A 48 8.01 7.46 -21.53
C PHE A 48 8.85 8.74 -21.61
N THR A 49 8.32 9.79 -22.25
CA THR A 49 9.08 11.04 -22.46
C THR A 49 8.44 12.35 -21.93
N PHE A 50 7.56 12.25 -20.92
CA PHE A 50 6.98 13.43 -20.25
C PHE A 50 7.44 13.45 -18.78
N PRO A 51 7.40 14.63 -18.14
CA PRO A 51 7.76 14.75 -16.72
C PRO A 51 6.86 13.95 -15.78
N VAL A 52 7.48 13.13 -14.92
CA VAL A 52 6.77 12.37 -13.89
C VAL A 52 7.18 12.91 -12.55
N TYR A 53 6.19 13.31 -11.75
CA TYR A 53 6.42 13.81 -10.37
C TYR A 53 5.97 12.78 -9.32
N CYS A 54 6.83 12.57 -8.31
CA CYS A 54 6.63 11.45 -7.36
C CYS A 54 7.56 11.61 -6.15
N SER A 55 7.45 10.69 -5.18
CA SER A 55 8.40 10.64 -4.08
C SER A 55 9.78 10.13 -4.54
N GLU A 56 10.79 10.32 -3.69
CA GLU A 56 12.14 9.73 -3.93
C GLU A 56 12.10 8.19 -4.11
N ILE A 57 11.41 7.51 -3.20
CA ILE A 57 11.32 6.04 -3.26
C ILE A 57 10.62 5.58 -4.55
N THR A 58 9.50 6.22 -4.89
CA THR A 58 8.84 5.88 -6.16
C THR A 58 9.78 6.09 -7.36
N GLY A 59 10.53 7.21 -7.33
CA GLY A 59 11.50 7.48 -8.39
C GLY A 59 12.60 6.41 -8.51
N ASN A 60 13.10 5.91 -7.37
CA ASN A 60 14.10 4.81 -7.39
C ASN A 60 13.52 3.57 -8.09
N LEU A 61 12.24 3.25 -7.82
CA LEU A 61 11.59 2.09 -8.44
C LEU A 61 11.36 2.29 -9.95
N LEU A 62 10.93 3.50 -10.35
CA LEU A 62 10.78 3.85 -11.76
C LEU A 62 12.10 3.65 -12.54
N LYS A 63 13.18 4.16 -11.97
CA LYS A 63 14.50 4.08 -12.62
C LYS A 63 14.99 2.63 -12.74
N ASN A 64 14.94 1.87 -11.65
CA ASN A 64 15.60 0.55 -11.58
C ASN A 64 14.72 -0.61 -12.02
N LYS A 65 13.41 -0.55 -11.75
CA LYS A 65 12.47 -1.63 -12.09
C LYS A 65 11.78 -1.44 -13.44
N LEU A 66 11.36 -0.21 -13.77
CA LEU A 66 10.69 0.08 -15.06
C LEU A 66 11.62 0.69 -16.12
N HIS A 67 12.85 1.04 -15.72
N HIS A 67 12.83 1.07 -15.74
CA HIS A 67 13.90 1.73 -16.55
CA HIS A 67 13.81 1.52 -16.71
C HIS A 67 13.51 3.01 -17.22
C HIS A 67 13.43 2.93 -17.28
N VAL A 68 12.65 3.75 -16.56
CA VAL A 68 12.32 5.12 -16.97
C VAL A 68 13.64 5.95 -16.95
N GLN A 69 13.87 6.75 -17.99
CA GLN A 69 15.08 7.56 -18.04
C GLN A 69 15.06 8.64 -16.98
N GLU A 70 16.22 8.85 -16.38
CA GLU A 70 16.42 9.76 -15.25
C GLU A 70 16.02 11.20 -15.56
N GLN A 71 16.21 11.64 -16.80
CA GLN A 71 15.82 13.01 -17.22
C GLN A 71 14.30 13.32 -17.07
N TYR A 72 13.45 12.29 -17.03
CA TYR A 72 12.00 12.48 -16.85
C TYR A 72 11.50 12.25 -15.43
N ILE A 73 12.37 11.87 -14.49
CA ILE A 73 11.93 11.56 -13.11
C ILE A 73 12.20 12.79 -12.24
N HIS A 74 11.13 13.33 -11.63
CA HIS A 74 11.19 14.52 -10.78
C HIS A 74 10.78 14.17 -9.33
N PRO A 75 11.72 13.69 -8.52
CA PRO A 75 11.38 13.40 -7.12
C PRO A 75 11.20 14.70 -6.32
N LEU A 76 10.21 14.70 -5.43
CA LEU A 76 9.98 15.82 -4.50
C LEU A 76 10.09 15.35 -3.05
N PRO A 77 10.67 16.17 -2.17
CA PRO A 77 10.69 15.85 -0.75
C PRO A 77 9.27 15.94 -0.16
N LEU A 78 9.03 15.19 0.91
CA LEU A 78 7.76 15.27 1.63
C LEU A 78 7.68 16.53 2.50
N ASP A 79 6.46 16.94 2.82
CA ASP A 79 6.19 17.96 3.85
C ASP A 79 6.82 19.32 3.50
N THR A 80 6.94 19.62 2.21
CA THR A 80 7.70 20.79 1.68
C THR A 80 6.90 21.46 0.54
N GLU A 81 6.66 22.76 0.65
CA GLU A 81 6.00 23.48 -0.44
C GLU A 81 6.93 23.55 -1.65
N CYS A 82 6.43 23.08 -2.80
CA CYS A 82 7.18 23.04 -4.07
C CYS A 82 6.33 23.75 -5.13
N ILE A 83 6.96 24.43 -6.10
CA ILE A 83 6.23 24.96 -7.27
C ILE A 83 6.51 24.08 -8.49
N VAL A 84 5.44 23.54 -9.11
CA VAL A 84 5.49 22.72 -10.31
C VAL A 84 4.66 23.40 -11.38
N ASN A 85 5.31 23.77 -12.50
CA ASN A 85 4.62 24.41 -13.64
C ASN A 85 3.68 25.53 -13.18
N GLY A 86 4.21 26.36 -12.28
CA GLY A 86 3.50 27.53 -11.77
C GLY A 86 2.45 27.33 -10.69
N VAL A 87 2.35 26.11 -10.13
CA VAL A 87 1.33 25.78 -9.10
C VAL A 87 2.02 25.20 -7.85
N LYS A 88 1.66 25.70 -6.66
CA LYS A 88 2.18 25.18 -5.38
C LYS A 88 1.56 23.80 -5.08
N VAL A 89 2.44 22.85 -4.76
CA VAL A 89 2.03 21.49 -4.35
C VAL A 89 2.81 21.06 -3.11
N VAL A 90 2.24 20.11 -2.37
CA VAL A 90 2.91 19.43 -1.25
C VAL A 90 2.61 17.92 -1.36
N LEU A 91 3.66 17.11 -1.14
CA LEU A 91 3.51 15.64 -0.96
C LEU A 91 3.49 15.28 0.52
N LEU A 92 2.49 14.47 0.92
CA LEU A 92 2.33 14.01 2.32
C LEU A 92 2.42 12.47 2.37
N ASP A 93 2.96 11.91 3.45
CA ASP A 93 2.98 10.45 3.59
C ASP A 93 1.53 9.89 3.64
N ALA A 94 1.24 8.87 2.81
CA ALA A 94 -0.11 8.26 2.73
C ALA A 94 -0.36 7.10 3.70
N ASN A 95 0.68 6.70 4.45
CA ASN A 95 0.51 5.49 5.31
C ASN A 95 -0.05 4.31 4.53
N HIS A 96 0.52 4.07 3.34
CA HIS A 96 0.11 2.95 2.44
C HIS A 96 1.33 2.05 2.33
N CYS A 97 1.96 1.92 1.16
CA CYS A 97 3.21 1.20 0.97
C CYS A 97 4.40 2.17 0.95
N PRO A 98 5.65 1.65 0.94
CA PRO A 98 6.80 2.58 0.90
C PRO A 98 6.76 3.54 -0.33
N GLY A 99 7.02 4.83 -0.07
CA GLY A 99 7.00 5.83 -1.14
C GLY A 99 5.65 6.39 -1.52
N ALA A 100 4.57 5.87 -0.91
CA ALA A 100 3.22 6.33 -1.26
C ALA A 100 2.92 7.69 -0.67
N VAL A 101 2.32 8.56 -1.49
CA VAL A 101 1.97 9.92 -1.07
C VAL A 101 0.53 10.30 -1.37
N MET A 102 0.05 11.29 -0.60
CA MET A 102 -1.09 12.14 -0.91
C MET A 102 -0.53 13.45 -1.51
N ILE A 103 -1.34 14.14 -2.33
CA ILE A 103 -0.89 15.37 -2.99
C ILE A 103 -1.89 16.49 -2.67
N LEU A 104 -1.37 17.61 -2.14
CA LEU A 104 -2.14 18.86 -1.95
C LEU A 104 -1.82 19.80 -3.10
N PHE A 105 -2.87 20.27 -3.79
CA PHE A 105 -2.72 21.21 -4.92
C PHE A 105 -3.37 22.56 -4.51
N TYR A 106 -2.60 23.65 -4.63
CA TYR A 106 -3.11 25.01 -4.31
C TYR A 106 -3.40 25.67 -5.67
N LEU A 107 -4.65 25.63 -6.12
CA LEU A 107 -4.99 26.08 -7.48
C LEU A 107 -4.84 27.58 -7.61
N PRO A 108 -4.55 28.06 -8.84
CA PRO A 108 -4.40 29.51 -9.00
C PRO A 108 -5.63 30.33 -8.57
N ASN A 109 -6.83 29.77 -8.67
CA ASN A 109 -8.06 30.51 -8.26
C ASN A 109 -8.38 30.51 -6.74
N GLY A 110 -7.55 29.91 -5.89
CA GLY A 110 -7.78 29.88 -4.43
C GLY A 110 -8.38 28.56 -3.88
N THR A 111 -8.83 27.73 -4.79
CA THR A 111 -9.32 26.37 -4.45
C THR A 111 -8.13 25.51 -3.97
N VAL A 112 -8.38 24.65 -2.98
CA VAL A 112 -7.36 23.69 -2.46
C VAL A 112 -7.95 22.27 -2.64
N ILE A 113 -7.18 21.40 -3.29
CA ILE A 113 -7.57 20.01 -3.55
C ILE A 113 -6.60 19.06 -2.83
N LEU A 114 -7.14 18.07 -2.11
CA LEU A 114 -6.32 16.96 -1.57
C LEU A 114 -6.66 15.68 -2.36
N HIS A 115 -5.63 15.05 -2.94
CA HIS A 115 -5.75 13.73 -3.59
C HIS A 115 -5.06 12.70 -2.69
N THR A 116 -5.81 11.76 -2.11
CA THR A 116 -5.22 10.85 -1.11
C THR A 116 -4.35 9.75 -1.75
N GLY A 117 -4.35 9.58 -3.07
CA GLY A 117 -3.85 8.35 -3.68
C GLY A 117 -4.52 7.17 -2.96
N ASP A 118 -3.76 6.09 -2.75
CA ASP A 118 -4.19 5.04 -1.80
C ASP A 118 -3.66 5.42 -0.40
N PHE A 119 -4.49 5.25 0.64
CA PHE A 119 -4.04 5.63 1.99
C PHE A 119 -4.71 4.78 3.07
N ARG A 120 -4.05 4.71 4.24
CA ARG A 120 -4.70 4.20 5.47
C ARG A 120 -4.78 5.37 6.46
N ALA A 121 -5.97 5.99 6.52
CA ALA A 121 -6.20 7.17 7.36
C ALA A 121 -5.76 6.88 8.80
N ASP A 122 -5.14 7.91 9.42
CA ASP A 122 -4.69 7.79 10.82
C ASP A 122 -4.86 9.14 11.50
N PRO A 123 -5.13 9.15 12.84
CA PRO A 123 -5.20 10.45 13.56
C PRO A 123 -3.93 11.31 13.47
N SER A 124 -2.74 10.69 13.28
CA SER A 124 -1.51 11.45 13.08
C SER A 124 -1.54 12.38 11.86
N MET A 125 -2.38 12.07 10.84
CA MET A 125 -2.56 12.99 9.71
C MET A 125 -3.20 14.33 10.10
N GLU A 126 -3.90 14.35 11.25
CA GLU A 126 -4.53 15.57 11.77
C GLU A 126 -3.48 16.61 12.26
N ARG A 127 -2.21 16.18 12.41
CA ARG A 127 -1.08 17.04 12.82
C ARG A 127 0.02 17.18 11.77
N SER A 128 -0.33 16.82 10.54
CA SER A 128 0.50 17.14 9.40
C SER A 128 0.24 18.60 8.98
N LEU A 129 0.83 19.03 7.87
CA LEU A 129 0.53 20.32 7.23
C LEU A 129 -0.96 20.51 6.85
N LEU A 130 -1.77 19.44 6.87
CA LEU A 130 -3.23 19.58 6.73
C LEU A 130 -3.91 20.36 7.86
N ALA A 131 -3.25 20.47 9.02
CA ALA A 131 -3.86 21.08 10.23
C ALA A 131 -4.34 22.49 9.90
N ASP A 132 -5.62 22.74 10.15
CA ASP A 132 -6.21 24.02 9.86
C ASP A 132 -6.15 24.49 8.38
N GLN A 133 -5.96 23.57 7.43
CA GLN A 133 -5.89 23.90 6.00
C GLN A 133 -7.27 23.67 5.45
N LYS A 134 -7.91 24.69 4.88
CA LYS A 134 -9.22 24.46 4.25
C LYS A 134 -9.00 23.67 2.96
N VAL A 135 -9.77 22.60 2.77
CA VAL A 135 -9.70 21.75 1.57
C VAL A 135 -11.10 21.78 0.95
N HIS A 136 -11.20 22.24 -0.28
CA HIS A 136 -12.50 22.33 -0.99
C HIS A 136 -12.93 21.01 -1.61
N MET A 137 -11.99 20.31 -2.28
CA MET A 137 -12.28 19.04 -2.97
C MET A 137 -11.32 17.95 -2.50
N LEU A 138 -11.89 16.78 -2.19
CA LEU A 138 -11.16 15.59 -1.73
C LEU A 138 -11.33 14.45 -2.73
N TYR A 139 -10.22 13.99 -3.34
CA TYR A 139 -10.25 12.81 -4.23
C TYR A 139 -9.83 11.61 -3.33
N LEU A 140 -10.81 10.78 -2.95
CA LEU A 140 -10.72 9.87 -1.81
C LEU A 140 -10.59 8.39 -2.17
N ASP A 141 -9.59 7.72 -1.58
CA ASP A 141 -9.46 6.23 -1.63
C ASP A 141 -10.61 5.64 -0.80
N THR A 142 -11.66 5.19 -1.51
CA THR A 142 -12.87 4.62 -0.98
C THR A 142 -12.92 3.09 -1.00
N THR A 143 -11.74 2.42 -1.04
CA THR A 143 -11.66 0.96 -1.13
C THR A 143 -12.65 0.25 -0.19
N TYR A 144 -12.61 0.63 1.11
CA TYR A 144 -13.45 0.00 2.15
C TYR A 144 -14.52 0.94 2.73
N CYS A 145 -15.17 1.71 1.86
CA CYS A 145 -16.24 2.65 2.27
C CYS A 145 -17.61 1.99 2.50
N SER A 146 -17.68 1.07 3.49
CA SER A 146 -18.93 0.44 3.94
C SER A 146 -18.68 -0.14 5.35
N PRO A 147 -19.67 -0.06 6.28
CA PRO A 147 -19.38 -0.40 7.69
C PRO A 147 -19.01 -1.87 7.98
N GLU A 148 -19.29 -2.78 7.05
CA GLU A 148 -18.87 -4.18 7.23
C GLU A 148 -17.35 -4.35 7.19
N TYR A 149 -16.63 -3.37 6.64
CA TYR A 149 -15.19 -3.50 6.52
C TYR A 149 -14.50 -3.07 7.82
N THR A 150 -14.26 -4.09 8.64
CA THR A 150 -13.57 -4.01 9.91
C THR A 150 -12.32 -4.91 9.83
N PHE A 151 -11.28 -4.48 10.51
CA PHE A 151 -10.05 -5.26 10.68
C PHE A 151 -9.20 -4.65 11.82
N PRO A 152 -8.22 -5.42 12.35
CA PRO A 152 -7.42 -4.88 13.48
C PRO A 152 -6.38 -3.85 13.05
N SER A 153 -5.74 -3.22 14.03
CA SER A 153 -4.58 -2.38 13.75
C SER A 153 -3.44 -3.21 13.17
N GLN A 154 -2.56 -2.56 12.41
CA GLN A 154 -1.35 -3.24 11.94
C GLN A 154 -0.50 -3.79 13.12
N GLN A 155 -0.40 -3.01 14.21
CA GLN A 155 0.38 -3.43 15.40
C GLN A 155 -0.18 -4.75 15.98
N GLU A 156 -1.51 -4.86 16.11
CA GLU A 156 -2.15 -6.10 16.61
C GLU A 156 -1.85 -7.32 15.70
N VAL A 157 -1.94 -7.11 14.37
CA VAL A 157 -1.69 -8.18 13.41
C VAL A 157 -0.21 -8.65 13.49
N ILE A 158 0.71 -7.70 13.64
CA ILE A 158 2.13 -8.03 13.76
C ILE A 158 2.42 -8.77 15.08
N ARG A 159 1.79 -8.33 16.18
CA ARG A 159 1.94 -9.06 17.47
C ARG A 159 1.53 -10.54 17.28
N PHE A 160 0.39 -10.78 16.62
CA PHE A 160 -0.08 -12.14 16.34
C PHE A 160 0.92 -12.95 15.51
N ALA A 161 1.44 -12.35 14.45
CA ALA A 161 2.38 -13.04 13.56
C ALA A 161 3.70 -13.39 14.29
N ILE A 162 4.26 -12.42 15.02
CA ILE A 162 5.51 -12.64 15.77
C ILE A 162 5.33 -13.78 16.79
N ASN A 163 4.25 -13.71 17.56
CA ASN A 163 4.04 -14.68 18.66
C ASN A 163 3.81 -16.08 18.06
N THR A 164 3.03 -16.16 16.99
CA THR A 164 2.78 -17.44 16.30
C THR A 164 4.07 -18.08 15.74
N ALA A 165 4.88 -17.29 15.04
CA ALA A 165 6.13 -17.79 14.48
C ALA A 165 7.15 -18.19 15.56
N PHE A 166 7.33 -17.33 16.57
CA PHE A 166 8.27 -17.66 17.66
C PHE A 166 7.86 -18.96 18.37
N GLU A 167 6.57 -19.11 18.67
CA GLU A 167 6.11 -20.34 19.37
C GLU A 167 6.43 -21.58 18.52
N ALA A 168 6.07 -21.53 17.21
CA ALA A 168 6.22 -22.69 16.33
C ALA A 168 7.68 -23.15 16.17
N VAL A 169 8.58 -22.17 16.00
CA VAL A 169 9.99 -22.48 15.76
C VAL A 169 10.72 -22.87 17.06
N THR A 170 10.27 -22.33 18.19
CA THR A 170 10.82 -22.74 19.50
C THR A 170 10.39 -24.19 19.83
N LEU A 171 9.14 -24.54 19.52
CA LEU A 171 8.70 -25.94 19.67
C LEU A 171 9.45 -26.88 18.71
N ASN A 172 9.61 -26.48 17.43
CA ASN A 172 10.30 -27.24 16.41
C ASN A 172 11.37 -26.39 15.70
N PRO A 173 12.65 -26.47 16.15
CA PRO A 173 13.73 -25.74 15.49
C PRO A 173 13.98 -26.08 14.02
N HIS A 174 13.41 -27.19 13.55
CA HIS A 174 13.46 -27.57 12.12
C HIS A 174 12.26 -27.13 11.27
N ALA A 175 11.46 -26.21 11.78
CA ALA A 175 10.39 -25.58 10.99
C ALA A 175 10.95 -24.40 10.17
N LEU A 176 10.49 -24.30 8.93
CA LEU A 176 10.72 -23.12 8.07
C LEU A 176 9.51 -22.21 8.10
N VAL A 177 9.74 -20.89 8.14
CA VAL A 177 8.68 -19.90 7.95
C VAL A 177 8.72 -19.33 6.51
N VAL A 178 7.57 -19.31 5.85
CA VAL A 178 7.41 -18.74 4.49
C VAL A 178 6.36 -17.62 4.50
N CYS A 179 6.65 -16.49 3.84
N CYS A 179 6.66 -16.49 3.86
CA CYS A 179 5.70 -15.36 3.70
CA CYS A 179 5.69 -15.39 3.70
C CYS A 179 5.48 -15.00 2.23
C CYS A 179 5.46 -15.20 2.19
N GLY A 180 4.22 -14.89 1.83
CA GLY A 180 3.87 -14.52 0.43
C GLY A 180 3.91 -13.02 0.16
N THR A 181 4.28 -12.65 -1.07
CA THR A 181 4.31 -11.24 -1.55
C THR A 181 3.97 -11.18 -3.09
N TYR A 182 3.35 -10.10 -3.55
CA TYR A 182 3.13 -9.86 -5.02
C TYR A 182 3.29 -8.40 -5.48
N SER A 183 3.73 -7.56 -4.57
CA SER A 183 3.87 -6.10 -4.74
C SER A 183 4.69 -5.57 -3.57
N ILE A 184 5.09 -4.32 -3.64
CA ILE A 184 5.62 -3.64 -2.45
C ILE A 184 4.46 -3.36 -1.46
N GLY A 185 4.83 -3.08 -0.22
CA GLY A 185 3.89 -2.97 0.86
C GLY A 185 3.94 -4.17 1.80
N LYS A 186 3.57 -3.92 3.07
CA LYS A 186 3.41 -5.02 4.07
C LYS A 186 4.75 -5.69 4.44
N GLU A 187 5.86 -4.99 4.21
CA GLU A 187 7.20 -5.52 4.54
C GLU A 187 7.33 -5.83 6.05
N LYS A 188 6.61 -5.09 6.91
CA LYS A 188 6.71 -5.33 8.38
C LYS A 188 6.40 -6.78 8.72
N VAL A 189 5.51 -7.44 7.97
CA VAL A 189 5.16 -8.83 8.29
C VAL A 189 6.43 -9.71 8.34
N PHE A 190 7.16 -9.77 7.21
CA PHE A 190 8.33 -10.65 7.16
C PHE A 190 9.53 -10.10 7.93
N LEU A 191 9.69 -8.77 7.98
CA LEU A 191 10.79 -8.21 8.77
C LEU A 191 10.64 -8.49 10.29
N ALA A 192 9.42 -8.34 10.82
CA ALA A 192 9.19 -8.55 12.25
C ALA A 192 9.36 -10.03 12.63
N ILE A 193 8.89 -10.93 11.77
CA ILE A 193 9.08 -12.37 12.03
C ILE A 193 10.58 -12.73 12.02
N ALA A 194 11.31 -12.28 11.01
CA ALA A 194 12.74 -12.60 10.93
C ALA A 194 13.52 -12.05 12.13
N ASP A 195 13.15 -10.83 12.56
CA ASP A 195 13.80 -10.20 13.72
C ASP A 195 13.62 -11.06 15.00
N VAL A 196 12.40 -11.57 15.24
CA VAL A 196 12.19 -12.37 16.46
C VAL A 196 12.91 -13.71 16.43
N LEU A 197 13.14 -14.24 15.22
CA LEU A 197 13.79 -15.53 15.01
C LEU A 197 15.31 -15.41 14.86
N GLY A 198 15.86 -14.20 14.89
CA GLY A 198 17.31 -14.06 14.70
C GLY A 198 17.86 -14.42 13.32
N SER A 199 17.07 -14.16 12.27
CA SER A 199 17.40 -14.55 10.91
C SER A 199 17.28 -13.35 9.97
N LYS A 200 18.04 -13.38 8.88
CA LYS A 200 17.73 -12.55 7.70
C LYS A 200 16.58 -13.19 6.91
N VAL A 201 15.92 -12.39 6.09
CA VAL A 201 14.88 -12.85 5.19
C VAL A 201 15.49 -13.21 3.81
N GLY A 202 15.30 -14.45 3.37
CA GLY A 202 15.79 -14.97 2.08
C GLY A 202 14.78 -14.80 0.97
N MET A 203 15.26 -14.39 -0.22
CA MET A 203 14.36 -14.08 -1.35
C MET A 203 15.09 -14.14 -2.69
N SER A 204 14.31 -14.13 -3.78
CA SER A 204 14.87 -14.06 -5.14
C SER A 204 15.68 -12.78 -5.37
N GLN A 205 16.52 -12.84 -6.40
CA GLN A 205 17.26 -11.66 -6.84
C GLN A 205 16.33 -10.49 -7.21
N GLU A 206 15.26 -10.80 -7.92
CA GLU A 206 14.30 -9.76 -8.32
C GLU A 206 13.63 -9.06 -7.14
N LYS A 207 13.19 -9.82 -6.13
CA LYS A 207 12.59 -9.21 -4.93
C LYS A 207 13.62 -8.43 -4.11
N TYR A 208 14.86 -8.96 -4.01
CA TYR A 208 15.92 -8.27 -3.31
C TYR A 208 16.15 -6.88 -3.96
N LYS A 209 16.24 -6.84 -5.30
CA LYS A 209 16.41 -5.58 -6.04
C LYS A 209 15.32 -4.55 -5.67
N THR A 210 14.07 -5.02 -5.69
CA THR A 210 12.93 -4.16 -5.32
C THR A 210 13.14 -3.56 -3.91
N LEU A 211 13.42 -4.43 -2.92
CA LEU A 211 13.62 -3.92 -1.54
C LEU A 211 14.78 -2.95 -1.39
N GLN A 212 15.84 -3.15 -2.17
CA GLN A 212 17.00 -2.23 -2.18
C GLN A 212 16.66 -0.79 -2.62
N CYS A 213 15.52 -0.60 -3.29
CA CYS A 213 15.01 0.73 -3.71
C CYS A 213 14.21 1.52 -2.64
N LEU A 214 13.94 0.92 -1.47
CA LEU A 214 12.92 1.45 -0.53
C LEU A 214 13.38 2.35 0.67
N ASN A 215 14.65 2.69 0.71
CA ASN A 215 15.25 3.50 1.81
C ASN A 215 14.93 3.00 3.24
N ILE A 216 14.90 1.69 3.43
CA ILE A 216 14.62 1.12 4.76
C ILE A 216 15.94 1.14 5.53
N PRO A 217 15.96 1.77 6.74
CA PRO A 217 17.20 1.79 7.53
C PRO A 217 17.77 0.42 7.85
N GLU A 218 19.09 0.33 7.71
CA GLU A 218 19.86 -0.88 7.98
C GLU A 218 19.36 -2.12 7.19
N ILE A 219 18.82 -1.91 5.99
CA ILE A 219 18.28 -3.02 5.15
C ILE A 219 19.30 -4.13 4.89
N ASN A 220 20.58 -3.79 4.70
CA ASN A 220 21.63 -4.78 4.43
C ASN A 220 21.77 -5.81 5.58
N SER A 221 21.43 -5.40 6.82
CA SER A 221 21.44 -6.29 8.00
C SER A 221 20.20 -7.22 8.08
N LEU A 222 19.18 -6.96 7.25
CA LEU A 222 17.87 -7.63 7.39
C LEU A 222 17.45 -8.65 6.30
N ILE A 223 18.01 -8.55 5.09
CA ILE A 223 17.61 -9.35 3.92
C ILE A 223 18.81 -9.97 3.20
N THR A 224 18.57 -11.00 2.41
CA THR A 224 19.63 -11.74 1.69
C THR A 224 19.10 -12.53 0.51
N THR A 225 19.98 -12.78 -0.48
CA THR A 225 19.68 -13.72 -1.56
C THR A 225 20.14 -15.17 -1.26
N ASP A 226 20.86 -15.35 -0.16
CA ASP A 226 21.39 -16.68 0.21
C ASP A 226 20.31 -17.42 1.01
N MET A 227 19.48 -18.17 0.27
CA MET A 227 18.35 -18.91 0.86
C MET A 227 18.81 -19.88 1.97
N CYS A 228 19.95 -20.53 1.77
CA CYS A 228 20.44 -21.55 2.70
C CYS A 228 20.79 -20.99 4.08
N SER A 229 21.17 -19.70 4.12
CA SER A 229 21.50 -19.00 5.36
C SER A 229 20.28 -18.49 6.19
N SER A 230 19.08 -18.61 5.63
CA SER A 230 17.87 -17.95 6.15
C SER A 230 16.82 -18.97 6.56
N LEU A 231 16.09 -18.74 7.66
CA LEU A 231 14.91 -19.58 7.99
C LEU A 231 13.56 -18.88 7.87
N VAL A 232 13.58 -17.70 7.24
CA VAL A 232 12.35 -17.02 6.80
C VAL A 232 12.51 -16.74 5.32
N HIS A 233 11.68 -17.42 4.50
CA HIS A 233 11.73 -17.28 3.02
C HIS A 233 10.53 -16.49 2.49
N LEU A 234 10.77 -15.63 1.50
CA LEU A 234 9.70 -14.95 0.73
C LEU A 234 9.46 -15.66 -0.58
N LEU A 235 8.19 -15.95 -0.88
CA LEU A 235 7.81 -16.55 -2.17
C LEU A 235 6.69 -15.73 -2.81
N PRO A 236 6.55 -15.83 -4.15
CA PRO A 236 5.36 -15.26 -4.76
C PRO A 236 4.05 -15.72 -4.09
N MET A 237 3.09 -14.80 -3.92
CA MET A 237 1.79 -15.10 -3.30
C MET A 237 1.09 -16.33 -3.92
N MET A 238 1.23 -16.49 -5.23
CA MET A 238 0.68 -17.64 -5.97
C MET A 238 1.18 -19.00 -5.55
N GLN A 239 2.35 -19.06 -4.93
CA GLN A 239 2.90 -20.30 -4.42
C GLN A 239 2.46 -20.64 -2.98
N ILE A 240 1.72 -19.75 -2.31
CA ILE A 240 1.31 -19.99 -0.91
C ILE A 240 0.04 -20.86 -0.89
N ASN A 241 0.26 -22.16 -1.11
CA ASN A 241 -0.80 -23.19 -1.15
C ASN A 241 -0.11 -24.52 -0.88
N PHE A 242 -0.86 -25.58 -0.59
CA PHE A 242 -0.21 -26.82 -0.15
C PHE A 242 0.75 -27.42 -1.21
N LYS A 243 0.34 -27.40 -2.49
CA LYS A 243 1.20 -27.88 -3.59
C LYS A 243 2.50 -27.08 -3.70
N GLY A 244 2.38 -25.75 -3.74
CA GLY A 244 3.54 -24.88 -3.88
C GLY A 244 4.52 -24.97 -2.73
N LEU A 245 4.00 -25.12 -1.52
CA LEU A 245 4.83 -25.19 -0.33
C LEU A 245 5.49 -26.57 -0.18
N GLN A 246 4.79 -27.64 -0.54
CA GLN A 246 5.39 -28.99 -0.63
C GLN A 246 6.59 -29.01 -1.59
N SER A 247 6.40 -28.40 -2.74
CA SER A 247 7.45 -28.28 -3.75
C SER A 247 8.65 -27.51 -3.22
N HIS A 248 8.40 -26.38 -2.56
CA HIS A 248 9.46 -25.61 -1.93
C HIS A 248 10.26 -26.38 -0.85
N LEU A 249 9.55 -27.09 0.01
CA LEU A 249 10.18 -27.88 1.08
C LEU A 249 11.16 -28.92 0.50
N LYS A 250 10.78 -29.54 -0.60
CA LYS A 250 11.67 -30.50 -1.29
C LYS A 250 12.99 -29.87 -1.72
N LYS A 251 12.94 -28.63 -2.18
CA LYS A 251 14.14 -27.89 -2.61
C LYS A 251 15.12 -27.52 -1.48
N CYS A 252 14.70 -27.67 -0.22
CA CYS A 252 15.52 -27.21 0.92
C CYS A 252 16.53 -28.24 1.49
N GLY A 253 16.69 -29.37 0.79
CA GLY A 253 17.76 -30.33 1.04
C GLY A 253 17.75 -30.99 2.41
N GLY A 254 16.55 -31.29 2.91
CA GLY A 254 16.39 -31.95 4.21
C GLY A 254 16.74 -31.14 5.45
N LYS A 255 16.84 -29.82 5.31
CA LYS A 255 17.12 -28.93 6.43
C LYS A 255 15.88 -28.77 7.34
N TYR A 256 14.69 -28.92 6.74
CA TYR A 256 13.43 -28.63 7.42
C TYR A 256 12.44 -29.78 7.27
N ASN A 257 11.56 -29.92 8.26
CA ASN A 257 10.53 -30.99 8.28
C ASN A 257 9.10 -30.46 8.55
N GLN A 258 8.93 -29.14 8.45
CA GLN A 258 7.65 -28.46 8.71
C GLN A 258 7.68 -27.06 8.05
N ILE A 259 6.53 -26.59 7.52
CA ILE A 259 6.39 -25.17 7.08
C ILE A 259 5.25 -24.52 7.82
N LEU A 260 5.53 -23.30 8.30
CA LEU A 260 4.51 -22.38 8.78
C LEU A 260 4.49 -21.21 7.75
N ALA A 261 3.34 -20.95 7.10
CA ALA A 261 3.25 -19.92 6.04
C ALA A 261 2.21 -18.85 6.38
N PHE A 262 2.51 -17.62 5.95
CA PHE A 262 1.61 -16.47 6.12
C PHE A 262 1.24 -15.87 4.74
N ARG A 263 -0.05 -15.61 4.59
CA ARG A 263 -0.67 -14.94 3.42
C ARG A 263 -1.26 -13.66 3.92
N PRO A 264 -0.54 -12.55 3.75
CA PRO A 264 -1.13 -11.31 4.11
C PRO A 264 -2.18 -11.02 3.02
N THR A 265 -3.38 -10.74 3.49
CA THR A 265 -4.50 -10.30 2.66
C THR A 265 -4.93 -8.90 3.11
N GLY A 266 -5.92 -8.35 2.42
CA GLY A 266 -6.70 -7.23 2.95
C GLY A 266 -7.83 -7.78 3.84
N TRP A 267 -8.93 -7.07 3.86
CA TRP A 267 -10.17 -7.62 4.44
C TRP A 267 -10.59 -8.95 3.78
N THR A 268 -11.10 -9.87 4.58
CA THR A 268 -11.83 -11.06 4.09
C THR A 268 -13.10 -11.24 4.90
N HIS A 269 -14.06 -11.97 4.35
CA HIS A 269 -15.33 -12.26 5.04
C HIS A 269 -15.21 -12.93 6.41
N SER A 270 -14.16 -13.71 6.66
CA SER A 270 -13.96 -14.17 8.08
C SER A 270 -13.75 -13.05 9.14
N ASN A 271 -13.42 -11.81 8.74
CA ASN A 271 -13.42 -10.67 9.70
C ASN A 271 -14.79 -10.33 10.28
N LYS A 272 -15.86 -10.72 9.59
CA LYS A 272 -17.22 -10.57 10.12
C LYS A 272 -17.53 -11.51 11.32
N PHE A 273 -16.70 -12.54 11.53
CA PHE A 273 -16.93 -13.54 12.59
C PHE A 273 -15.80 -13.74 13.62
N THR A 274 -14.55 -13.78 13.16
CA THR A 274 -13.43 -14.25 13.98
C THR A 274 -12.42 -13.15 14.36
N ARG A 275 -12.24 -12.92 15.66
CA ARG A 275 -11.22 -11.99 16.22
C ARG A 275 -9.78 -12.43 15.90
N ILE A 276 -8.87 -11.49 15.77
CA ILE A 276 -7.45 -11.79 15.42
C ILE A 276 -6.85 -12.84 16.37
N ALA A 277 -7.13 -12.71 17.67
CA ALA A 277 -6.68 -13.66 18.69
C ALA A 277 -7.12 -15.11 18.46
N ASP A 278 -8.29 -15.29 17.83
CA ASP A 278 -8.89 -16.62 17.62
C ASP A 278 -8.55 -17.22 16.25
N VAL A 279 -7.81 -16.50 15.41
CA VAL A 279 -7.45 -16.97 14.06
C VAL A 279 -6.65 -18.28 14.10
N ILE A 280 -7.08 -19.22 13.25
CA ILE A 280 -6.47 -20.54 13.09
C ILE A 280 -6.04 -20.76 11.64
N PRO A 281 -5.09 -21.67 11.41
CA PRO A 281 -4.63 -21.91 10.05
C PRO A 281 -5.41 -23.00 9.35
N GLN A 282 -5.19 -23.12 8.03
CA GLN A 282 -5.49 -24.32 7.26
C GLN A 282 -4.27 -25.25 7.31
N THR A 283 -4.49 -26.53 7.57
CA THR A 283 -3.40 -27.48 7.76
C THR A 283 -3.60 -28.75 6.93
N LYS A 284 -2.51 -29.21 6.32
CA LYS A 284 -2.40 -30.51 5.67
C LYS A 284 -1.02 -31.11 5.98
N GLY A 285 -0.99 -32.22 6.74
CA GLY A 285 0.26 -32.84 7.14
C GLY A 285 1.16 -31.86 7.88
N ASN A 286 2.40 -31.71 7.41
CA ASN A 286 3.42 -30.86 8.06
C ASN A 286 3.44 -29.40 7.54
N ILE A 287 2.33 -28.95 6.90
CA ILE A 287 2.18 -27.59 6.35
C ILE A 287 0.94 -26.89 6.94
N SER A 288 1.14 -25.68 7.48
CA SER A 288 0.07 -24.84 7.98
C SER A 288 0.16 -23.44 7.32
N ILE A 289 -1.02 -22.91 6.95
CA ILE A 289 -1.14 -21.61 6.26
C ILE A 289 -2.11 -20.66 7.00
N TYR A 290 -1.61 -19.51 7.44
CA TYR A 290 -2.41 -18.47 8.09
C TYR A 290 -2.72 -17.34 7.13
N GLY A 291 -3.99 -16.97 7.02
CA GLY A 291 -4.41 -15.72 6.35
C GLY A 291 -4.47 -14.66 7.43
N ILE A 292 -3.73 -13.55 7.26
CA ILE A 292 -3.72 -12.49 8.26
C ILE A 292 -4.18 -11.15 7.63
N PRO A 293 -5.12 -10.46 8.28
CA PRO A 293 -5.75 -9.27 7.68
C PRO A 293 -4.90 -8.00 7.94
N TYR A 294 -3.74 -7.94 7.28
CA TYR A 294 -2.84 -6.78 7.36
C TYR A 294 -3.24 -5.78 6.25
N SER A 295 -3.97 -4.73 6.60
CA SER A 295 -4.47 -3.75 5.60
C SER A 295 -3.58 -2.52 5.51
N GLU A 296 -3.33 -2.08 4.26
CA GLU A 296 -2.73 -0.75 3.97
C GLU A 296 -3.77 0.22 3.36
N HIS A 297 -5.06 -0.07 3.57
CA HIS A 297 -6.16 0.87 3.27
C HIS A 297 -6.98 1.15 4.56
N SER A 298 -7.58 2.36 4.62
CA SER A 298 -8.45 2.75 5.73
C SER A 298 -9.55 1.71 5.97
N SER A 299 -9.80 1.38 7.25
CA SER A 299 -11.10 0.79 7.61
C SER A 299 -12.21 1.82 7.38
N TYR A 300 -13.47 1.36 7.38
CA TYR A 300 -14.60 2.30 7.34
C TYR A 300 -14.47 3.37 8.43
N LEU A 301 -14.28 2.93 9.68
CA LEU A 301 -14.23 3.88 10.80
C LEU A 301 -13.07 4.90 10.68
N GLU A 302 -11.89 4.44 10.24
CA GLU A 302 -10.73 5.34 10.06
C GLU A 302 -11.01 6.39 8.97
N MET A 303 -11.61 5.93 7.85
CA MET A 303 -11.98 6.82 6.73
C MET A 303 -12.98 7.90 7.20
N LYS A 304 -14.04 7.44 7.89
CA LYS A 304 -15.08 8.35 8.41
C LYS A 304 -14.49 9.41 9.35
N ARG A 305 -13.61 8.99 10.26
CA ARG A 305 -12.98 9.97 11.17
C ARG A 305 -12.18 11.03 10.40
N PHE A 306 -11.35 10.58 9.45
CA PHE A 306 -10.53 11.53 8.69
C PHE A 306 -11.40 12.55 7.93
N VAL A 307 -12.44 12.05 7.24
CA VAL A 307 -13.30 12.93 6.44
C VAL A 307 -14.10 13.93 7.31
N GLN A 308 -14.65 13.43 8.43
CA GLN A 308 -15.39 14.32 9.37
C GLN A 308 -14.48 15.38 10.01
N TRP A 309 -13.17 15.06 10.20
CA TRP A 309 -12.19 16.05 10.66
C TRP A 309 -11.85 17.08 9.57
N LEU A 310 -11.63 16.60 8.33
CA LEU A 310 -11.20 17.45 7.22
C LEU A 310 -12.32 18.41 6.75
N LYS A 311 -13.56 17.93 6.79
CA LYS A 311 -14.75 18.74 6.40
C LYS A 311 -14.66 19.29 4.95
N PRO A 312 -14.42 18.40 3.96
CA PRO A 312 -14.35 18.88 2.57
C PRO A 312 -15.71 19.34 2.04
N GLN A 313 -15.71 20.29 1.10
CA GLN A 313 -16.95 20.75 0.48
C GLN A 313 -17.50 19.76 -0.55
N LYS A 314 -16.62 19.00 -1.22
CA LYS A 314 -17.02 18.00 -2.21
C LYS A 314 -16.04 16.81 -2.15
N ILE A 315 -16.58 15.59 -2.28
CA ILE A 315 -15.79 14.37 -2.35
C ILE A 315 -15.97 13.68 -3.72
N ILE A 316 -14.82 13.29 -4.33
CA ILE A 316 -14.77 12.51 -5.57
C ILE A 316 -14.11 11.16 -5.24
N PRO A 317 -14.91 10.05 -5.24
CA PRO A 317 -14.30 8.73 -5.00
C PRO A 317 -13.34 8.34 -6.12
N THR A 318 -12.27 7.60 -5.79
CA THR A 318 -11.35 7.08 -6.83
C THR A 318 -11.34 5.53 -6.88
N VAL A 319 -12.15 4.87 -6.02
CA VAL A 319 -12.23 3.39 -6.00
C VAL A 319 -13.71 2.99 -5.89
N ASN A 320 -14.07 1.84 -6.49
CA ASN A 320 -15.48 1.37 -6.54
C ASN A 320 -16.36 2.31 -7.40
N VAL A 321 -15.75 2.91 -8.42
CA VAL A 321 -16.44 3.88 -9.30
C VAL A 321 -17.25 3.29 -10.45
N GLY A 322 -17.17 1.98 -10.65
CA GLY A 322 -17.68 1.35 -11.87
C GLY A 322 -19.11 0.88 -11.88
N THR A 323 -19.81 0.84 -10.74
CA THR A 323 -21.22 0.38 -10.71
C THR A 323 -22.12 1.43 -10.11
N TRP A 324 -23.39 1.47 -10.52
CA TRP A 324 -24.34 2.41 -9.93
C TRP A 324 -24.56 2.12 -8.46
N LYS A 325 -24.61 0.84 -8.10
CA LYS A 325 -24.85 0.44 -6.71
C LYS A 325 -23.71 0.94 -5.79
N SER A 326 -22.45 0.71 -6.19
CA SER A 326 -21.32 1.14 -5.36
C SER A 326 -21.29 2.67 -5.26
N ARG A 327 -21.54 3.39 -6.35
CA ARG A 327 -21.57 4.87 -6.30
C ARG A 327 -22.65 5.39 -5.37
N SER A 328 -23.85 4.81 -5.44
CA SER A 328 -24.98 5.19 -4.58
C SER A 328 -24.68 4.93 -3.09
N THR A 329 -24.09 3.77 -2.79
CA THR A 329 -23.69 3.41 -1.42
C THR A 329 -22.72 4.48 -0.85
N MET A 330 -21.68 4.82 -1.62
CA MET A 330 -20.68 5.78 -1.14
C MET A 330 -21.31 7.17 -0.91
N GLU A 331 -22.12 7.63 -1.86
N GLU A 331 -22.13 7.65 -1.84
CA GLU A 331 -22.81 8.92 -1.74
CA GLU A 331 -22.78 8.96 -1.66
C GLU A 331 -23.72 9.02 -0.49
C GLU A 331 -23.68 9.00 -0.42
N LYS A 332 -24.39 7.92 -0.14
CA LYS A 332 -25.22 7.87 1.08
C LYS A 332 -24.37 8.03 2.35
N TYR A 333 -23.21 7.37 2.39
CA TYR A 333 -22.33 7.55 3.56
C TYR A 333 -21.75 8.98 3.65
N PHE A 334 -21.36 9.57 2.53
CA PHE A 334 -20.81 10.93 2.58
C PHE A 334 -21.87 11.86 3.19
N ARG A 335 -23.13 11.70 2.78
CA ARG A 335 -24.21 12.56 3.29
C ARG A 335 -24.49 12.31 4.79
N GLU A 336 -24.49 11.05 5.22
N GLU A 336 -24.46 11.05 5.21
CA GLU A 336 -24.64 10.77 6.65
CA GLU A 336 -24.61 10.70 6.61
C GLU A 336 -23.53 11.50 7.40
C GLU A 336 -23.51 11.34 7.47
N TRP A 337 -22.29 11.32 6.96
CA TRP A 337 -21.14 11.89 7.70
C TRP A 337 -21.27 13.42 7.85
N LYS A 338 -21.70 14.07 6.78
CA LYS A 338 -21.91 15.53 6.73
C LYS A 338 -23.02 15.99 7.67
N LEU A 339 -24.13 15.28 7.68
CA LEU A 339 -25.28 15.61 8.55
C LEU A 339 -24.95 15.38 10.02
N GLU A 340 -24.22 14.30 10.34
CA GLU A 340 -23.82 14.02 11.72
C GLU A 340 -22.90 15.10 12.29
N ALA A 341 -21.87 15.49 11.52
CA ALA A 341 -20.84 16.41 11.98
C ALA A 341 -21.19 17.89 11.75
N GLY A 342 -22.14 18.24 10.89
CA GLY A 342 -22.62 19.64 10.72
C GLY A 342 -21.92 20.52 9.68
N TYR A 343 -21.09 19.95 8.81
CA TYR A 343 -20.38 20.75 7.77
C TYR A 343 -21.11 20.81 6.44
C1 MLI B . -3.22 -2.14 -4.85
C2 MLI B . -3.69 -1.79 -3.45
C3 MLI B . -3.32 -0.99 -5.84
O6 MLI B . -4.51 -2.47 -2.81
O7 MLI B . -3.15 -0.82 -2.91
O8 MLI B . -3.85 -1.20 -6.98
O9 MLI B . -2.78 0.09 -5.56
NI NI C . -2.03 0.74 -3.75
N1 AWM D . -21.29 -5.34 -6.54
N3 AWM D . -19.88 -1.70 -3.34
C4 AWM D . -21.40 -3.38 -5.04
C5 AWM D . -21.58 -3.89 -6.45
C6 AWM D . -19.42 -2.87 -3.67
C7 AWM D . -19.01 -1.05 -2.47
C8 AWM D . -19.21 0.23 -1.92
C10 AWM D . -17.11 0.01 -0.74
C1 AWM D . -21.53 -5.84 -7.94
C2 AWM D . -19.88 -5.58 -6.14
C3 AWM D . -19.63 -5.12 -4.72
N2 AWM D . -20.08 -3.75 -4.50
C9 AWM D . -18.24 0.74 -1.09
C11 AWM D . -16.88 -1.23 -1.29
C12 AWM D . -17.84 -1.76 -2.15
S1 AWM D . -17.85 -3.30 -2.98
#